data_1K7C
#
_entry.id   1K7C
#
_cell.length_a   52.170
_cell.length_b   56.920
_cell.length_c   71.690
_cell.angle_alpha   90.00
_cell.angle_beta   90.00
_cell.angle_gamma   90.00
#
_symmetry.space_group_name_H-M   'P 21 21 21'
#
loop_
_entity.id
_entity.type
_entity.pdbx_description
1 polymer 'rhamnogalacturonan acetylesterase'
2 branched alpha-D-mannopyranose-(1-3)-[alpha-D-mannopyranose-(1-6)]alpha-D-mannopyranose-(1-6)-alpha-D-mannopyranose-(1-4)-2-acetamido-2-deoxy-beta-D-glucopyranose-(1-4)-2-acetamido-2-deoxy-beta-D-glucopyranose
3 non-polymer 2-acetamido-2-deoxy-beta-D-glucopyranose
4 non-polymer 'SULFATE ION'
5 water water
#
_entity_poly.entity_id   1
_entity_poly.type   'polypeptide(L)'
_entity_poly.pdbx_seq_one_letter_code
;TTVYLAGDSTMAKNGGGSGTNGWGEYLASYLSATVVNDAVAGRSARSYTREGRFENIADVVTAGDYVIVEFGHNDGGSLS
TDNGRTDCSGTGAEVCYSVYDGVNETILTFPAYLENAAKLFTAKGAKVILSSQTPNNPWETGTFVNSPTRFVEYAELAAE
VAGVEYVDHWSYVDSIYETLGNATVNSYFPIDHTHTSPAGAEVVAEAFLKAVVCTGTSLKSVLTTTSFEGTCL
;
_entity_poly.pdbx_strand_id   A
#
loop_
_chem_comp.id
_chem_comp.type
_chem_comp.name
_chem_comp.formula
MAN D-saccharide, alpha linking alpha-D-mannopyranose 'C6 H12 O6'
NAG D-saccharide, beta linking 2-acetamido-2-deoxy-beta-D-glucopyranose 'C8 H15 N O6'
SO4 non-polymer 'SULFATE ION' 'O4 S -2'
#
# COMPACT_ATOMS: atom_id res chain seq x y z
N THR A 1 -15.92 12.05 8.75
CA THR A 1 -15.02 11.68 7.69
C THR A 1 -14.57 10.24 7.85
N THR A 2 -14.46 9.49 6.76
CA THR A 2 -14.01 8.11 6.80
C THR A 2 -12.76 8.01 5.94
N VAL A 3 -11.82 7.22 6.42
CA VAL A 3 -10.63 6.84 5.70
C VAL A 3 -10.71 5.39 5.33
N TYR A 4 -10.78 5.04 4.07
CA TYR A 4 -10.79 3.68 3.57
C TYR A 4 -9.40 3.26 3.18
N LEU A 5 -8.99 2.07 3.54
CA LEU A 5 -7.68 1.53 3.25
C LEU A 5 -7.82 0.33 2.30
N ALA A 6 -7.03 0.36 1.24
CA ALA A 6 -6.96 -0.71 0.25
C ALA A 6 -5.51 -1.17 0.16
N GLY A 7 -5.25 -2.46 0.31
CA GLY A 7 -3.92 -2.99 0.32
C GLY A 7 -3.94 -4.50 0.59
N ASP A 8 -2.77 -5.02 0.95
CA ASP A 8 -2.53 -6.44 1.06
C ASP A 8 -2.22 -6.82 2.49
N SER A 9 -1.57 -7.98 2.71
CA SER A 9 -1.28 -8.47 4.05
C SER A 9 -0.37 -7.55 4.88
N THR A 10 0.36 -6.67 4.22
CA THR A 10 1.19 -5.74 4.95
C THR A 10 0.38 -4.64 5.61
N MET A 11 -0.86 -4.45 5.17
CA MET A 11 -1.79 -3.47 5.69
C MET A 11 -2.93 -4.07 6.47
N ALA A 12 -3.35 -5.28 6.13
CA ALA A 12 -4.58 -5.89 6.57
C ALA A 12 -4.57 -6.33 8.02
N LYS A 13 -5.76 -6.35 8.60
CA LYS A 13 -5.98 -7.04 9.88
C LYS A 13 -5.49 -8.49 9.79
N ASN A 14 -4.73 -8.88 10.80
CA ASN A 14 -4.14 -10.21 10.94
C ASN A 14 -2.98 -10.49 10.00
N GLY A 15 -2.51 -9.47 9.25
CA GLY A 15 -1.29 -9.60 8.51
C GLY A 15 -1.29 -10.79 7.58
N GLY A 16 -0.17 -11.54 7.64
CA GLY A 16 -0.02 -12.82 6.93
C GLY A 16 -0.22 -13.99 7.87
N GLY A 17 -0.96 -13.81 8.98
CA GLY A 17 -1.14 -14.92 9.90
C GLY A 17 0.03 -15.08 10.88
N SER A 18 -0.07 -16.15 11.66
CA SER A 18 0.92 -16.50 12.63
C SER A 18 1.42 -15.36 13.49
N GLY A 19 0.53 -14.53 14.03
CA GLY A 19 0.97 -13.48 14.92
C GLY A 19 1.42 -12.20 14.26
N THR A 20 1.39 -12.06 12.99
CA THR A 20 1.74 -10.85 12.27
C THR A 20 0.53 -9.97 12.16
N ASN A 21 0.72 -8.72 11.84
CA ASN A 21 -0.37 -7.81 11.66
C ASN A 21 0.00 -6.77 10.63
N GLY A 22 -1.02 -6.09 10.11
CA GLY A 22 -0.87 -5.09 9.07
C GLY A 22 -0.90 -3.68 9.66
N TRP A 23 -0.25 -2.75 8.94
CA TRP A 23 -0.06 -1.42 9.46
C TRP A 23 -1.37 -0.64 9.57
N GLY A 24 -2.38 -1.00 8.78
CA GLY A 24 -3.61 -0.28 8.79
C GLY A 24 -4.32 -0.39 10.13
N GLU A 25 -3.99 -1.38 10.96
CA GLU A 25 -4.58 -1.59 12.25
C GLU A 25 -4.08 -0.63 13.30
N TYR A 26 -3.06 0.16 13.00
CA TYR A 26 -2.41 1.05 13.94
C TYR A 26 -2.65 2.49 13.62
N LEU A 27 -3.44 2.79 12.60
CA LEU A 27 -3.67 4.14 12.14
C LEU A 27 -4.75 4.89 12.90
N ALA A 28 -5.85 4.21 13.27
CA ALA A 28 -7.00 4.91 13.82
C ALA A 28 -6.64 5.70 15.06
N SER A 29 -5.68 5.20 15.86
CA SER A 29 -5.30 5.88 17.08
C SER A 29 -4.79 7.29 16.86
N TYR A 30 -4.32 7.57 15.65
CA TYR A 30 -3.66 8.83 15.30
C TYR A 30 -4.53 9.73 14.41
N LEU A 31 -5.77 9.34 14.15
CA LEU A 31 -6.65 10.07 13.25
C LEU A 31 -7.95 10.39 13.95
N SER A 32 -8.49 11.56 13.68
CA SER A 32 -9.84 11.90 14.16
C SER A 32 -10.93 11.37 13.28
N ALA A 33 -10.73 10.64 12.29
CA ALA A 33 -11.62 10.09 11.35
C ALA A 33 -11.82 8.61 11.63
N THR A 34 -12.93 8.07 11.19
CA THR A 34 -13.15 6.63 11.22
C THR A 34 -12.28 5.94 10.15
N VAL A 35 -11.62 4.85 10.53
CA VAL A 35 -10.82 4.06 9.60
C VAL A 35 -11.50 2.77 9.28
N VAL A 36 -11.62 2.46 8.02
CA VAL A 36 -12.16 1.20 7.54
C VAL A 36 -11.05 0.48 6.82
N ASN A 37 -10.54 -0.60 7.38
CA ASN A 37 -9.42 -1.34 6.79
C ASN A 37 -9.96 -2.41 5.84
N ASP A 38 -9.94 -2.11 4.53
CA ASP A 38 -10.42 -2.99 3.49
C ASP A 38 -9.26 -3.72 2.82
N ALA A 39 -8.10 -3.73 3.44
CA ALA A 39 -6.99 -4.53 2.90
C ALA A 39 -7.26 -5.99 3.12
N VAL A 40 -6.69 -6.86 2.25
CA VAL A 40 -6.90 -8.30 2.34
C VAL A 40 -5.61 -8.98 1.91
N ALA A 41 -5.19 -9.97 2.67
CA ALA A 41 -3.99 -10.75 2.37
C ALA A 41 -4.08 -11.36 1.01
N GLY A 42 -2.94 -11.33 0.32
CA GLY A 42 -2.78 -11.99 -0.96
C GLY A 42 -3.16 -11.19 -2.17
N ARG A 43 -3.66 -9.99 -2.02
CA ARG A 43 -4.19 -9.27 -3.15
C ARG A 43 -3.14 -8.39 -3.83
N SER A 44 -3.34 -8.20 -5.12
CA SER A 44 -2.59 -7.30 -5.96
C SER A 44 -3.56 -6.26 -6.52
N ALA A 45 -3.01 -5.29 -7.25
CA ALA A 45 -3.90 -4.32 -7.89
C ALA A 45 -4.90 -5.00 -8.81
N ARG A 46 -4.43 -5.99 -9.56
CA ARG A 46 -5.26 -6.80 -10.44
C ARG A 46 -6.35 -7.55 -9.66
N SER A 47 -5.95 -8.33 -8.67
CA SER A 47 -6.94 -9.19 -8.04
C SER A 47 -7.88 -8.39 -7.18
N TYR A 48 -7.45 -7.32 -6.57
CA TYR A 48 -8.32 -6.45 -5.79
C TYR A 48 -9.41 -5.87 -6.73
N THR A 49 -9.00 -5.49 -7.94
CA THR A 49 -9.95 -5.01 -8.93
C THR A 49 -10.90 -6.12 -9.35
N ARG A 50 -10.39 -7.25 -9.73
CA ARG A 50 -11.21 -8.37 -10.26
C ARG A 50 -12.23 -8.79 -9.25
N GLU A 51 -11.88 -8.84 -7.96
CA GLU A 51 -12.78 -9.27 -6.91
C GLU A 51 -13.81 -8.22 -6.54
N GLY A 52 -13.80 -7.06 -7.21
CA GLY A 52 -14.76 -6.04 -6.96
C GLY A 52 -14.49 -5.19 -5.73
N ARG A 53 -13.30 -5.24 -5.19
CA ARG A 53 -13.04 -4.58 -3.91
C ARG A 53 -12.84 -3.08 -4.07
N PHE A 54 -12.29 -2.59 -5.19
CA PHE A 54 -12.33 -1.17 -5.42
C PHE A 54 -13.74 -0.68 -5.64
N GLU A 55 -14.53 -1.46 -6.37
CA GLU A 55 -15.94 -1.11 -6.60
C GLU A 55 -16.71 -1.04 -5.29
N ASN A 56 -16.43 -1.94 -4.37
CA ASN A 56 -17.11 -1.92 -3.07
C ASN A 56 -16.79 -0.64 -2.31
N ILE A 57 -15.56 -0.18 -2.33
CA ILE A 57 -15.24 1.13 -1.70
C ILE A 57 -15.97 2.21 -2.44
N ALA A 58 -15.99 2.18 -3.78
CA ALA A 58 -16.64 3.23 -4.56
C ALA A 58 -18.09 3.37 -4.19
N ASP A 59 -18.77 2.25 -3.91
CA ASP A 59 -20.18 2.29 -3.60
C ASP A 59 -20.44 3.14 -2.37
N VAL A 60 -19.53 3.06 -1.38
CA VAL A 60 -19.81 3.65 -0.08
C VAL A 60 -19.06 4.92 0.21
N VAL A 61 -18.04 5.25 -0.52
CA VAL A 61 -17.25 6.45 -0.25
C VAL A 61 -18.07 7.65 -0.62
N THR A 62 -17.92 8.72 0.16
CA THR A 62 -18.62 9.96 -0.17
C THR A 62 -17.66 11.13 -0.19
N ALA A 63 -18.17 12.28 -0.60
CA ALA A 63 -17.33 13.45 -0.77
C ALA A 63 -16.65 13.76 0.56
N GLY A 64 -15.38 14.07 0.48
CA GLY A 64 -14.58 14.39 1.62
C GLY A 64 -13.97 13.23 2.34
N ASP A 65 -14.33 11.99 2.07
CA ASP A 65 -13.67 10.82 2.60
C ASP A 65 -12.33 10.68 1.92
N TYR A 66 -11.44 9.90 2.54
CA TYR A 66 -10.14 9.58 2.00
C TYR A 66 -10.08 8.12 1.61
N VAL A 67 -9.31 7.80 0.59
CA VAL A 67 -9.00 6.44 0.23
C VAL A 67 -7.47 6.34 0.09
N ILE A 68 -6.85 5.44 0.81
CA ILE A 68 -5.43 5.18 0.74
C ILE A 68 -5.23 3.84 0.09
N VAL A 69 -4.46 3.81 -0.97
CA VAL A 69 -4.25 2.63 -1.78
C VAL A 69 -2.78 2.29 -1.84
N GLU A 70 -2.42 1.09 -1.43
CA GLU A 70 -1.03 0.68 -1.37
C GLU A 70 -0.89 -0.78 -1.80
N PHE A 71 -0.37 -1.00 -3.00
CA PHE A 71 -0.11 -2.33 -3.54
C PHE A 71 1.31 -2.41 -4.06
N GLY A 72 1.73 -3.62 -4.39
CA GLY A 72 3.01 -3.85 -5.01
C GLY A 72 3.62 -5.15 -4.60
N HIS A 73 3.48 -5.55 -3.32
CA HIS A 73 4.10 -6.83 -2.87
C HIS A 73 3.69 -8.00 -3.72
N ASN A 74 2.45 -8.06 -4.18
CA ASN A 74 1.96 -9.24 -4.87
C ASN A 74 1.79 -9.05 -6.38
N ASP A 75 2.32 -7.95 -6.91
CA ASP A 75 2.03 -7.54 -8.29
C ASP A 75 3.00 -8.04 -9.34
N GLY A 76 4.12 -8.60 -8.92
CA GLY A 76 5.10 -9.14 -9.84
C GLY A 76 4.85 -10.59 -10.17
N GLY A 77 5.86 -11.20 -10.73
CA GLY A 77 5.88 -12.60 -11.14
C GLY A 77 5.62 -12.78 -12.61
N SER A 78 5.34 -14.02 -13.00
CA SER A 78 5.28 -14.45 -14.36
C SER A 78 3.86 -14.80 -14.75
N LEU A 79 3.33 -14.17 -15.83
CA LEU A 79 2.01 -14.55 -16.33
C LEU A 79 1.98 -15.90 -17.02
N SER A 80 3.17 -16.46 -17.31
CA SER A 80 3.27 -17.79 -17.92
C SER A 80 2.79 -18.87 -16.96
N THR A 81 2.84 -18.59 -15.67
CA THR A 81 2.31 -19.49 -14.62
C THR A 81 1.35 -18.65 -13.82
N ASP A 82 0.33 -18.14 -14.45
CA ASP A 82 -0.52 -17.10 -13.85
C ASP A 82 -1.09 -17.49 -12.52
N ASN A 83 -0.76 -16.75 -11.48
CA ASN A 83 -1.25 -16.96 -10.11
C ASN A 83 -2.44 -16.09 -9.79
N GLY A 84 -2.97 -15.36 -10.78
CA GLY A 84 -4.13 -14.50 -10.60
C GLY A 84 -3.78 -13.15 -10.06
N ARG A 85 -2.55 -12.90 -9.67
CA ARG A 85 -2.16 -11.63 -9.05
C ARG A 85 -1.31 -10.76 -9.96
N THR A 86 -0.41 -11.35 -10.74
CA THR A 86 0.55 -10.59 -11.53
C THR A 86 -0.17 -9.64 -12.50
N ASP A 87 0.27 -8.39 -12.53
CA ASP A 87 -0.26 -7.40 -13.49
C ASP A 87 0.43 -7.54 -14.83
N CYS A 88 -0.14 -6.95 -15.86
CA CYS A 88 0.51 -6.85 -17.14
C CYS A 88 1.75 -5.95 -17.01
N SER A 89 2.81 -6.26 -17.75
CA SER A 89 4.00 -5.43 -17.71
C SER A 89 3.73 -4.11 -18.44
N GLY A 90 4.40 -3.09 -17.94
CA GLY A 90 4.33 -1.78 -18.54
C GLY A 90 3.78 -0.75 -17.57
N THR A 91 3.78 0.48 -18.09
CA THR A 91 3.38 1.60 -17.25
C THR A 91 2.15 2.32 -17.70
N GLY A 92 1.56 1.96 -18.82
CA GLY A 92 0.50 2.69 -19.46
C GLY A 92 -0.69 1.81 -19.77
N ALA A 93 -1.15 1.95 -20.98
CA ALA A 93 -2.40 1.35 -21.44
C ALA A 93 -2.23 -0.05 -22.06
N GLU A 94 -1.07 -0.69 -21.79
CA GLU A 94 -0.87 -2.06 -22.26
C GLU A 94 -1.88 -3.03 -21.65
N VAL A 95 -2.26 -4.02 -22.45
CA VAL A 95 -3.16 -5.07 -22.05
C VAL A 95 -2.51 -6.44 -22.28
N CYS A 96 -2.79 -7.34 -21.36
CA CYS A 96 -2.39 -8.73 -21.38
C CYS A 96 -3.66 -9.60 -21.31
N TYR A 97 -3.61 -10.76 -21.88
CA TYR A 97 -4.70 -11.72 -21.72
C TYR A 97 -4.16 -13.02 -21.17
N SER A 98 -4.92 -13.57 -20.21
CA SER A 98 -4.51 -14.86 -19.63
C SER A 98 -5.73 -15.59 -19.10
N VAL A 99 -5.79 -16.90 -19.29
CA VAL A 99 -6.85 -17.68 -18.70
C VAL A 99 -6.50 -17.97 -17.25
N TYR A 100 -7.40 -17.52 -16.39
CA TYR A 100 -7.24 -17.69 -14.95
C TYR A 100 -8.60 -17.97 -14.33
N ASP A 101 -8.73 -19.04 -13.53
CA ASP A 101 -9.98 -19.32 -12.81
C ASP A 101 -11.17 -19.42 -13.76
N GLY A 102 -10.97 -19.96 -14.93
CA GLY A 102 -12.07 -20.17 -15.87
C GLY A 102 -12.50 -19.04 -16.75
N VAL A 103 -11.69 -18.01 -16.83
CA VAL A 103 -11.98 -16.84 -17.62
C VAL A 103 -10.75 -16.40 -18.42
N ASN A 104 -10.98 -15.99 -19.66
CA ASN A 104 -9.89 -15.32 -20.40
C ASN A 104 -9.88 -13.87 -19.97
N GLU A 105 -9.01 -13.56 -19.00
CA GLU A 105 -9.04 -12.30 -18.32
C GLU A 105 -8.29 -11.22 -19.09
N THR A 106 -8.85 -10.00 -19.17
CA THR A 106 -8.15 -8.83 -19.64
C THR A 106 -7.39 -8.21 -18.47
N ILE A 107 -6.09 -8.16 -18.57
CA ILE A 107 -5.20 -7.74 -17.49
C ILE A 107 -4.50 -6.45 -17.83
N LEU A 108 -4.58 -5.49 -16.93
CA LEU A 108 -4.03 -4.18 -17.10
C LEU A 108 -2.67 -4.04 -16.42
N THR A 109 -2.01 -2.92 -16.67
CA THR A 109 -0.79 -2.64 -15.95
C THR A 109 -1.10 -2.19 -14.52
N PHE A 110 -0.09 -2.26 -13.67
CA PHE A 110 -0.22 -1.78 -12.28
C PHE A 110 -0.68 -0.33 -12.26
N PRO A 111 -0.03 0.61 -12.98
CA PRO A 111 -0.53 2.01 -12.91
C PRO A 111 -1.95 2.14 -13.41
N ALA A 112 -2.34 1.42 -14.45
CA ALA A 112 -3.70 1.56 -14.95
C ALA A 112 -4.74 1.12 -13.92
N TYR A 113 -4.49 0.01 -13.20
CA TYR A 113 -5.46 -0.35 -12.19
C TYR A 113 -5.60 0.74 -11.14
N LEU A 114 -4.48 1.32 -10.70
CA LEU A 114 -4.54 2.35 -9.69
C LEU A 114 -5.18 3.63 -10.22
N GLU A 115 -4.86 4.02 -11.46
CA GLU A 115 -5.45 5.21 -12.03
C GLU A 115 -6.96 5.05 -12.17
N ASN A 116 -7.39 3.87 -12.61
CA ASN A 116 -8.82 3.64 -12.78
C ASN A 116 -9.53 3.73 -11.45
N ALA A 117 -8.98 3.12 -10.40
CA ALA A 117 -9.58 3.23 -9.07
C ALA A 117 -9.63 4.69 -8.63
N ALA A 118 -8.53 5.39 -8.82
CA ALA A 118 -8.45 6.79 -8.42
C ALA A 118 -9.52 7.63 -9.09
N LYS A 119 -9.77 7.39 -10.38
CA LYS A 119 -10.81 8.15 -11.11
C LYS A 119 -12.17 7.89 -10.54
N LEU A 120 -12.48 6.62 -10.24
CA LEU A 120 -13.76 6.25 -9.68
C LEU A 120 -14.06 7.07 -8.40
N PHE A 121 -13.03 7.10 -7.53
CA PHE A 121 -13.21 7.73 -6.24
C PHE A 121 -13.22 9.23 -6.33
N THR A 122 -12.33 9.78 -7.14
CA THR A 122 -12.20 11.23 -7.27
C THR A 122 -13.43 11.85 -7.84
N ALA A 123 -14.09 11.20 -8.78
CA ALA A 123 -15.30 11.78 -9.39
C ALA A 123 -16.43 11.93 -8.40
N LYS A 124 -16.47 11.12 -7.36
CA LYS A 124 -17.40 11.18 -6.26
C LYS A 124 -17.03 12.16 -5.17
N GLY A 125 -15.86 12.79 -5.28
CA GLY A 125 -15.43 13.78 -4.33
C GLY A 125 -14.51 13.27 -3.26
N ALA A 126 -14.04 12.03 -3.32
CA ALA A 126 -13.09 11.53 -2.35
C ALA A 126 -11.68 12.03 -2.62
N LYS A 127 -10.88 12.03 -1.60
CA LYS A 127 -9.47 12.39 -1.65
C LYS A 127 -8.63 11.15 -1.70
N VAL A 128 -8.01 10.87 -2.80
CA VAL A 128 -7.25 9.63 -3.00
C VAL A 128 -5.80 9.86 -2.72
N ILE A 129 -5.19 8.97 -1.98
CA ILE A 129 -3.76 8.95 -1.71
C ILE A 129 -3.22 7.64 -2.20
N LEU A 130 -2.33 7.64 -3.17
CA LEU A 130 -1.63 6.43 -3.59
C LEU A 130 -0.33 6.39 -2.81
N SER A 131 0.01 5.24 -2.30
CA SER A 131 1.17 5.09 -1.45
C SER A 131 2.04 3.97 -1.97
N SER A 132 3.35 4.16 -2.01
CA SER A 132 4.24 3.08 -2.39
C SER A 132 4.26 1.96 -1.36
N GLN A 133 4.51 0.75 -1.86
CA GLN A 133 4.55 -0.43 -1.00
C GLN A 133 5.60 -0.29 0.07
N THR A 134 5.39 -1.04 1.16
CA THR A 134 6.43 -1.18 2.16
C THR A 134 7.54 -2.09 1.70
N PRO A 135 8.74 -1.93 2.30
CA PRO A 135 9.82 -2.84 1.98
C PRO A 135 9.71 -4.18 2.67
N ASN A 136 10.16 -5.25 1.98
CA ASN A 136 10.55 -6.46 2.66
C ASN A 136 11.76 -6.12 3.56
N ASN A 137 11.99 -6.99 4.53
CA ASN A 137 13.04 -6.79 5.50
C ASN A 137 14.39 -6.41 4.84
N PRO A 138 14.88 -5.19 5.01
CA PRO A 138 16.08 -4.77 4.32
C PRO A 138 17.35 -5.15 5.05
N TRP A 139 17.20 -5.82 6.19
CA TRP A 139 18.28 -6.33 6.99
C TRP A 139 18.36 -7.85 6.99
N GLU A 140 17.67 -8.50 6.07
CA GLU A 140 17.61 -9.97 5.98
C GLU A 140 19.00 -10.55 5.92
N THR A 141 19.91 -9.91 5.21
CA THR A 141 21.23 -10.47 5.04
C THR A 141 22.23 -10.03 6.09
N GLY A 142 21.83 -9.16 7.01
CA GLY A 142 22.69 -8.67 8.09
C GLY A 142 23.31 -7.31 7.94
N THR A 143 23.18 -6.79 6.75
CA THR A 143 23.56 -5.41 6.39
C THR A 143 22.38 -4.82 5.63
N PHE A 144 22.34 -3.51 5.54
CA PHE A 144 21.16 -2.80 5.04
C PHE A 144 21.24 -2.66 3.55
N VAL A 145 20.16 -3.07 2.89
CA VAL A 145 20.07 -3.01 1.44
C VAL A 145 18.83 -2.19 1.09
N ASN A 146 18.94 -1.07 0.39
CA ASN A 146 17.74 -0.30 -0.07
C ASN A 146 17.55 -0.62 -1.55
N SER A 147 16.54 -1.44 -1.79
CA SER A 147 16.30 -1.98 -3.09
C SER A 147 14.86 -1.80 -3.48
N PRO A 148 14.44 -0.61 -3.91
CA PRO A 148 13.01 -0.41 -4.21
C PRO A 148 12.62 -1.29 -5.39
N THR A 149 11.37 -1.74 -5.34
CA THR A 149 10.80 -2.44 -6.48
C THR A 149 10.30 -1.45 -7.51
N ARG A 150 10.00 -1.97 -8.68
CA ARG A 150 9.46 -1.12 -9.73
C ARG A 150 8.14 -0.48 -9.32
N PHE A 151 7.43 -1.13 -8.43
CA PHE A 151 6.10 -0.66 -8.03
C PHE A 151 6.15 0.62 -7.23
N VAL A 152 7.28 0.96 -6.65
CA VAL A 152 7.42 2.22 -5.94
C VAL A 152 7.33 3.38 -6.91
N GLU A 153 8.15 3.38 -7.95
CA GLU A 153 8.08 4.45 -8.96
C GLU A 153 6.75 4.41 -9.68
N TYR A 154 6.20 3.19 -9.90
CA TYR A 154 4.93 3.11 -10.61
C TYR A 154 3.77 3.78 -9.86
N ALA A 155 3.80 3.66 -8.51
CA ALA A 155 2.77 4.34 -7.71
C ALA A 155 2.88 5.87 -7.84
N GLU A 156 4.12 6.36 -7.87
CA GLU A 156 4.31 7.80 -8.03
C GLU A 156 3.79 8.25 -9.40
N LEU A 157 4.09 7.50 -10.44
CA LEU A 157 3.62 7.78 -11.81
C LEU A 157 2.12 7.77 -11.86
N ALA A 158 1.49 6.75 -11.26
CA ALA A 158 0.06 6.64 -11.29
C ALA A 158 -0.60 7.86 -10.63
N ALA A 159 -0.03 8.35 -9.53
CA ALA A 159 -0.58 9.52 -8.85
C ALA A 159 -0.50 10.75 -9.71
N GLU A 160 0.62 10.90 -10.41
CA GLU A 160 0.81 12.05 -11.29
C GLU A 160 -0.21 11.98 -12.44
N VAL A 161 -0.40 10.83 -13.06
CA VAL A 161 -1.30 10.69 -14.20
C VAL A 161 -2.72 10.92 -13.75
N ALA A 162 -3.13 10.39 -12.61
CA ALA A 162 -4.47 10.50 -12.13
C ALA A 162 -4.76 11.83 -11.43
N GLY A 163 -3.74 12.61 -11.14
CA GLY A 163 -3.88 13.88 -10.50
C GLY A 163 -4.27 13.79 -9.02
N VAL A 164 -3.76 12.81 -8.34
CA VAL A 164 -4.05 12.61 -6.91
C VAL A 164 -2.78 12.69 -6.10
N GLU A 165 -2.86 12.52 -4.81
CA GLU A 165 -1.69 12.66 -3.93
C GLU A 165 -0.92 11.37 -3.87
N TYR A 166 0.38 11.50 -3.67
CA TYR A 166 1.33 10.41 -3.52
C TYR A 166 2.05 10.51 -2.21
N VAL A 167 2.19 9.44 -1.49
CA VAL A 167 3.00 9.30 -0.30
C VAL A 167 4.02 8.20 -0.50
N ASP A 168 5.29 8.52 -0.31
CA ASP A 168 6.36 7.54 -0.50
C ASP A 168 6.59 6.79 0.79
N HIS A 169 5.65 5.88 1.07
CA HIS A 169 5.72 5.05 2.27
C HIS A 169 6.98 4.19 2.23
N TRP A 170 7.36 3.66 1.07
CA TRP A 170 8.57 2.88 0.96
C TRP A 170 9.76 3.59 1.59
N SER A 171 10.01 4.82 1.14
CA SER A 171 11.23 5.49 1.55
C SER A 171 11.22 5.82 3.03
N TYR A 172 10.06 6.20 3.58
CA TYR A 172 10.00 6.52 4.98
C TYR A 172 10.17 5.31 5.84
N VAL A 173 9.65 4.13 5.42
CA VAL A 173 9.91 2.93 6.15
C VAL A 173 11.37 2.54 6.06
N ASP A 174 11.94 2.55 4.86
CA ASP A 174 13.33 2.12 4.76
C ASP A 174 14.25 3.06 5.51
N SER A 175 13.93 4.36 5.56
CA SER A 175 14.76 5.31 6.31
C SER A 175 14.77 4.97 7.79
N ILE A 176 13.64 4.69 8.38
CA ILE A 176 13.63 4.35 9.81
C ILE A 176 14.20 2.97 10.04
N TYR A 177 13.98 2.01 9.17
CA TYR A 177 14.63 0.71 9.34
C TYR A 177 16.15 0.85 9.31
N GLU A 178 16.72 1.70 8.49
CA GLU A 178 18.14 1.85 8.46
C GLU A 178 18.63 2.30 9.82
N THR A 179 17.95 3.24 10.42
CA THR A 179 18.42 3.78 11.69
C THR A 179 18.15 2.83 12.84
N LEU A 180 17.15 2.00 12.79
CA LEU A 180 16.83 1.10 13.89
C LEU A 180 17.85 0.00 13.98
N GLY A 181 18.42 -0.47 12.91
CA GLY A 181 19.49 -1.44 12.95
C GLY A 181 19.10 -2.86 12.77
N ASN A 182 20.11 -3.71 12.57
CA ASN A 182 19.91 -5.08 12.20
C ASN A 182 19.07 -5.88 13.17
N ALA A 183 19.44 -5.84 14.46
CA ALA A 183 18.74 -6.68 15.43
C ALA A 183 17.27 -6.32 15.59
N THR A 184 17.02 -5.02 15.74
CA THR A 184 15.65 -4.59 15.96
C THR A 184 14.75 -4.85 14.73
N VAL A 185 15.25 -4.53 13.53
CA VAL A 185 14.40 -4.75 12.37
C VAL A 185 14.17 -6.24 12.14
N ASN A 186 15.19 -7.07 12.32
CA ASN A 186 14.95 -8.50 12.14
C ASN A 186 13.89 -9.00 13.08
N SER A 187 13.77 -8.40 14.28
CA SER A 187 12.75 -8.82 15.22
C SER A 187 11.34 -8.49 14.73
N TYR A 188 11.17 -7.63 13.79
CA TYR A 188 9.85 -7.30 13.24
C TYR A 188 9.39 -8.32 12.22
N PHE A 189 10.22 -9.28 11.83
CA PHE A 189 9.91 -10.19 10.74
C PHE A 189 10.01 -11.63 11.27
N PRO A 190 8.98 -12.09 12.02
CA PRO A 190 9.13 -13.37 12.76
C PRO A 190 9.14 -14.60 11.89
N ILE A 191 8.49 -14.65 10.74
CA ILE A 191 8.30 -15.91 10.02
C ILE A 191 8.72 -15.88 8.59
N ASP A 192 8.96 -14.70 8.03
CA ASP A 192 9.32 -14.51 6.64
C ASP A 192 9.82 -13.08 6.49
N HIS A 193 10.20 -12.68 5.29
CA HIS A 193 10.77 -11.33 5.13
C HIS A 193 9.75 -10.27 4.71
N THR A 194 8.49 -10.58 4.78
CA THR A 194 7.45 -9.67 4.38
C THR A 194 6.54 -9.21 5.48
N HIS A 195 6.05 -10.12 6.30
CA HIS A 195 4.97 -9.81 7.24
C HIS A 195 5.49 -9.35 8.56
N THR A 196 4.99 -8.25 9.05
CA THR A 196 5.52 -7.60 10.25
C THR A 196 4.79 -8.08 11.48
N SER A 197 5.55 -8.20 12.58
CA SER A 197 4.97 -8.35 13.90
C SER A 197 4.18 -7.12 14.27
N PRO A 198 3.39 -7.16 15.34
CA PRO A 198 2.68 -5.97 15.78
C PRO A 198 3.58 -4.77 16.01
N ALA A 199 4.78 -4.93 16.61
CA ALA A 199 5.67 -3.80 16.80
C ALA A 199 6.11 -3.22 15.46
N GLY A 200 6.45 -4.12 14.50
CA GLY A 200 6.84 -3.64 13.21
C GLY A 200 5.72 -2.91 12.51
N ALA A 201 4.48 -3.40 12.61
CA ALA A 201 3.33 -2.76 12.01
C ALA A 201 3.13 -1.38 12.57
N GLU A 202 3.32 -1.20 13.87
CA GLU A 202 3.24 0.11 14.48
C GLU A 202 4.30 1.05 13.89
N VAL A 203 5.54 0.59 13.78
CA VAL A 203 6.60 1.40 13.18
C VAL A 203 6.22 1.81 11.75
N VAL A 204 5.72 0.85 10.99
CA VAL A 204 5.35 1.08 9.59
C VAL A 204 4.22 2.10 9.52
N ALA A 205 3.24 2.04 10.40
CA ALA A 205 2.14 3.03 10.44
C ALA A 205 2.70 4.40 10.79
N GLU A 206 3.56 4.46 11.81
CA GLU A 206 4.16 5.73 12.20
C GLU A 206 4.94 6.34 11.04
N ALA A 207 5.63 5.50 10.26
CA ALA A 207 6.38 6.01 9.14
C ALA A 207 5.48 6.58 8.02
N PHE A 208 4.31 5.99 7.82
CA PHE A 208 3.32 6.57 6.91
C PHE A 208 2.94 7.97 7.36
N LEU A 209 2.67 8.10 8.66
CA LEU A 209 2.26 9.40 9.20
C LEU A 209 3.38 10.40 9.18
N LYS A 210 4.64 9.99 9.41
CA LYS A 210 5.77 10.88 9.24
C LYS A 210 5.80 11.40 7.81
N ALA A 211 5.61 10.50 6.85
CA ALA A 211 5.59 10.92 5.45
C ALA A 211 4.51 11.94 5.17
N VAL A 212 3.32 11.72 5.73
CA VAL A 212 2.21 12.65 5.54
C VAL A 212 2.60 14.05 6.08
N VAL A 213 3.14 14.10 7.28
CA VAL A 213 3.47 15.41 7.88
C VAL A 213 4.55 16.08 7.08
N CYS A 214 5.58 15.32 6.71
CA CYS A 214 6.70 15.90 5.99
C CYS A 214 6.33 16.36 4.59
N THR A 215 5.41 15.69 3.94
CA THR A 215 5.07 16.00 2.58
C THR A 215 3.90 16.96 2.51
N GLY A 216 3.13 17.19 3.56
CA GLY A 216 2.00 18.03 3.52
C GLY A 216 0.77 17.45 2.87
N THR A 217 0.65 16.15 2.90
CA THR A 217 -0.51 15.45 2.33
C THR A 217 -1.76 15.91 3.04
N SER A 218 -2.87 15.92 2.33
CA SER A 218 -4.15 16.42 2.83
C SER A 218 -4.63 15.75 4.08
N LEU A 219 -4.29 14.49 4.27
CA LEU A 219 -4.65 13.74 5.47
C LEU A 219 -4.16 14.39 6.75
N LYS A 220 -3.19 15.29 6.65
CA LYS A 220 -2.68 16.02 7.83
C LYS A 220 -3.83 16.68 8.58
N SER A 221 -4.91 17.03 7.89
CA SER A 221 -6.07 17.68 8.51
C SER A 221 -6.76 16.87 9.58
N VAL A 222 -6.59 15.55 9.60
CA VAL A 222 -7.25 14.68 10.54
C VAL A 222 -6.25 13.98 11.44
N LEU A 223 -4.98 14.34 11.39
CA LEU A 223 -3.97 13.75 12.25
C LEU A 223 -4.05 14.37 13.64
N THR A 224 -3.95 13.55 14.66
CA THR A 224 -4.03 13.98 16.05
C THR A 224 -2.70 14.37 16.65
N THR A 225 -1.61 14.02 16.04
CA THR A 225 -0.26 14.32 16.56
C THR A 225 0.71 14.21 15.42
N THR A 226 1.83 14.91 15.58
CA THR A 226 2.94 14.89 14.63
C THR A 226 4.22 14.39 15.30
N SER A 227 4.12 13.82 16.49
CA SER A 227 5.26 13.34 17.26
C SER A 227 5.61 11.91 16.86
N PHE A 228 6.53 11.82 15.88
CA PHE A 228 7.00 10.57 15.32
C PHE A 228 8.49 10.69 15.07
N GLU A 229 9.24 9.65 15.31
CA GLU A 229 10.68 9.72 15.13
C GLU A 229 11.03 9.65 13.64
N GLY A 230 12.28 9.84 13.33
CA GLY A 230 12.78 9.90 11.98
C GLY A 230 12.88 11.36 11.53
N THR A 231 13.18 11.50 10.25
CA THR A 231 13.41 12.80 9.65
C THR A 231 12.64 12.91 8.37
N CYS A 232 12.45 14.13 7.90
CA CYS A 232 11.85 14.31 6.57
C CYS A 232 12.88 14.11 5.48
N LEU A 233 12.50 13.51 4.37
CA LEU A 233 13.34 13.11 3.29
C LEU A 233 13.28 14.07 2.10
C1 NAG B . 21.62 -9.38 12.53
C2 NAG B . 22.89 -10.12 12.92
C3 NAG B . 22.73 -11.59 13.28
C4 NAG B . 21.53 -11.74 14.24
C5 NAG B . 20.33 -11.07 13.60
C6 NAG B . 19.08 -11.32 14.39
C7 NAG B . 24.73 -9.45 11.53
C8 NAG B . 25.62 -9.49 10.21
N2 NAG B . 23.69 -10.19 11.55
O3 NAG B . 23.94 -12.09 13.85
O4 NAG B . 21.32 -13.17 14.15
O5 NAG B . 20.60 -9.66 13.58
O6 NAG B . 19.23 -10.77 15.68
O7 NAG B . 25.06 -8.92 12.62
C1 NAG B . 21.21 -13.85 15.32
C2 NAG B . 20.78 -15.28 15.01
C3 NAG B . 20.58 -16.12 16.31
C4 NAG B . 21.88 -15.95 17.11
C5 NAG B . 22.32 -14.55 17.28
C6 NAG B . 23.69 -14.46 17.94
C7 NAG B . 19.13 -15.15 13.19
C8 NAG B . 17.62 -14.88 12.77
N2 NAG B . 19.37 -15.21 14.43
O3 NAG B . 20.52 -17.46 15.75
O4 NAG B . 21.56 -16.53 18.42
O5 NAG B . 22.51 -13.88 15.98
O6 NAG B . 24.66 -15.14 17.14
O7 NAG B . 20.09 -15.12 12.35
C1 MAN B . 22.23 -17.73 18.66
C2 MAN B . 22.37 -17.94 20.13
C3 MAN B . 22.89 -19.39 20.35
C4 MAN B . 22.08 -20.42 19.64
C5 MAN B . 21.98 -20.11 18.14
C6 MAN B . 21.04 -21.03 17.44
O2 MAN B . 21.07 -17.82 20.74
O3 MAN B . 22.95 -19.69 21.76
O4 MAN B . 22.74 -21.69 19.73
O5 MAN B . 21.39 -18.74 18.05
O6 MAN B . 21.01 -20.65 16.07
C1 MAN B . 20.40 -21.60 15.23
C2 MAN B . 20.58 -21.10 13.81
C3 MAN B . 19.69 -19.84 13.58
C4 MAN B . 18.26 -20.05 13.99
C5 MAN B . 18.23 -20.51 15.47
C6 MAN B . 16.84 -20.84 15.88
O2 MAN B . 20.11 -22.08 12.90
O3 MAN B . 19.65 -19.58 12.15
O4 MAN B . 17.54 -18.82 13.92
O5 MAN B . 19.03 -21.72 15.59
O6 MAN B . 16.32 -21.86 15.01
C1 MAN B . 20.56 -18.60 11.74
C2 MAN B . 20.04 -18.06 10.41
C3 MAN B . 20.15 -19.19 9.36
C4 MAN B . 21.56 -19.66 9.24
C5 MAN B . 22.02 -20.26 10.59
C6 MAN B . 23.51 -20.55 10.44
O2 MAN B . 20.88 -16.99 9.97
O3 MAN B . 19.86 -18.63 8.05
O4 MAN B . 21.56 -20.72 8.30
O5 MAN B . 21.85 -19.17 11.59
O6 MAN B . 24.11 -20.66 11.71
C1 MAN B . 14.96 -22.17 15.26
C2 MAN B . 14.58 -23.25 14.27
C3 MAN B . 14.60 -22.61 12.86
C4 MAN B . 13.80 -21.38 12.76
C5 MAN B . 14.17 -20.39 13.86
C6 MAN B . 13.32 -19.16 13.90
O2 MAN B . 13.31 -23.74 14.64
O3 MAN B . 14.14 -23.59 11.89
O4 MAN B . 13.99 -20.73 11.53
O5 MAN B . 14.13 -21.04 15.17
O6 MAN B . 11.97 -19.53 14.14
C1 NAG C . -8.09 -14.37 -24.82
C2 NAG C . -7.73 -15.33 -25.93
C3 NAG C . -6.79 -14.65 -26.96
C4 NAG C . -7.54 -13.40 -27.47
C5 NAG C . -7.93 -12.52 -26.33
C6 NAG C . -8.67 -11.26 -26.72
C7 NAG C . -7.22 -17.75 -25.46
C8 NAG C . -6.08 -18.74 -24.93
N2 NAG C . -6.95 -16.51 -25.35
O3 NAG C . -6.63 -15.63 -28.02
O4 NAG C . -6.58 -12.78 -28.36
O5 NAG C . -8.81 -13.19 -25.40
O6 NAG C . -9.80 -11.53 -27.56
O7 NAG C . -7.95 -18.11 -26.43
S SO4 D . 0.36 -12.04 1.06
O1 SO4 D . 0.42 -12.74 -0.26
O2 SO4 D . -0.51 -12.80 2.06
O3 SO4 D . 1.73 -11.85 1.64
O4 SO4 D . -0.27 -10.60 0.87
S SO4 E . 11.84 -4.94 -9.44
O1 SO4 E . 12.19 -3.84 -10.43
O2 SO4 E . 10.36 -4.87 -9.09
O3 SO4 E . 12.16 -6.30 -10.06
O4 SO4 E . 12.67 -4.77 -8.16
S SO4 F . 9.13 -9.91 -10.21
O1 SO4 F . 8.14 -9.55 -11.32
O2 SO4 F . 8.35 -10.12 -8.90
O3 SO4 F . 9.85 -11.18 -10.58
O4 SO4 F . 10.12 -8.76 -10.03
S SO4 G . 8.54 -11.87 -2.20
O1 SO4 G . 7.19 -12.47 -2.58
O2 SO4 G . 9.29 -12.81 -1.27
O3 SO4 G . 9.36 -11.66 -3.48
O4 SO4 G . 8.31 -10.53 -1.52
#